data_4CVK
#
_entry.id   4CVK
#
_cell.length_a   57.810
_cell.length_b   87.290
_cell.length_c   92.610
_cell.angle_alpha   90.00
_cell.angle_beta   90.00
_cell.angle_gamma   90.00
#
_symmetry.space_group_name_H-M   'P 21 21 21'
#
loop_
_entity.id
_entity.type
_entity.pdbx_description
1 polymer 'UDP-N-acetylmuramoyl-tripeptide--D-alanyl-D-alanine ligase'
2 polymer ALA-FGA-API
3 non-polymer "URIDINE-5'-DIPHOSPHATE"
4 non-polymer 'N-acetyl-alpha-muramic acid'
5 water water
#
loop_
_entity_poly.entity_id
_entity_poly.type
_entity_poly.pdbx_seq_one_letter_code
_entity_poly.pdbx_strand_id
1 'polypeptide(L)'
;MLEPLRLSQLTVALDARLIGEDAVFSAVSTDSRAIGPGELFIALSGPRFDGHDYLAEVAAKGAVAALVEREVADAPLPQL
LVRDTRAALGRLGALNRRKFTGPLAAMTGSSGKTTVKEMLASILRTQAGDAESVLATRGNLNNDLGVPLTLLQLAPQHRS
AVIELGASRIGEIAYTVELTRPHVAIITNAGTAHVGEFGGPEKIVEAKGEILEGLAADGTAVLNLDDKAFDTWKARASGR
PLLTFSLDRPQADFRAADLQRDARGCMGFRLQGVAGEAQVQLNLLGRHNVANALAAAAAAHALGVPLDGIVAGLQALQPV
KGRAVAQLTASGLRVIDDSYNANPASMLAAIDILSGFSGRTVLVLGDMGELGSWAEQAHREVGAYAAGKVSALYAVGPLM
AHAVQAFGATGRHFADQASLIGALATEDPTTTILIKGSRSAAMDKVVAALCGSSEESHSSVDKLAAALEHHHHHH
;
A
2 'polypeptide(L)' A(FGA)(API) B
#
loop_
_chem_comp.id
_chem_comp.type
_chem_comp.name
_chem_comp.formula
FGA D-gamma-peptide, C-delta linking 'GAMMA-D-GLUTAMIC ACID' 'C5 H9 N O4'
MUB D-saccharide, alpha linking 'N-acetyl-alpha-muramic acid' 'C11 H19 N O8'
UDP RNA linking URIDINE-5'-DIPHOSPHATE 'C9 H14 N2 O12 P2'
#
# COMPACT_ATOMS: atom_id res chain seq x y z
N MET A 1 0.08 12.62 -17.36
CA MET A 1 -0.51 12.30 -18.68
C MET A 1 0.58 12.17 -19.71
N LEU A 2 0.34 11.28 -20.66
CA LEU A 2 1.25 11.09 -21.80
C LEU A 2 1.33 12.31 -22.68
N GLU A 3 0.20 12.99 -22.82
CA GLU A 3 0.17 14.25 -23.53
C GLU A 3 -1.05 15.03 -23.07
N PRO A 4 -1.06 16.36 -23.27
CA PRO A 4 -2.23 17.17 -22.99
C PRO A 4 -3.42 16.76 -23.84
N LEU A 5 -4.64 17.03 -23.34
CA LEU A 5 -5.86 16.65 -24.04
C LEU A 5 -6.72 17.88 -24.22
N ARG A 6 -7.42 17.93 -25.34
CA ARG A 6 -8.27 19.05 -25.71
C ARG A 6 -9.71 18.62 -25.45
N LEU A 7 -10.49 19.48 -24.80
N LEU A 7 -10.50 19.48 -24.82
CA LEU A 7 -11.90 19.18 -24.48
CA LEU A 7 -11.89 19.13 -24.48
C LEU A 7 -12.70 18.69 -25.69
C LEU A 7 -12.71 18.69 -25.69
N SER A 8 -12.59 19.38 -26.81
CA SER A 8 -13.42 19.06 -27.99
C SER A 8 -13.06 17.69 -28.57
N GLN A 9 -11.90 17.14 -28.24
CA GLN A 9 -11.51 15.81 -28.68
C GLN A 9 -11.87 14.71 -27.72
N LEU A 10 -12.54 15.04 -26.62
CA LEU A 10 -13.00 14.01 -25.66
C LEU A 10 -14.53 13.81 -25.69
N THR A 11 -15.24 14.54 -26.53
CA THR A 11 -16.70 14.43 -26.51
C THR A 11 -17.16 13.04 -26.93
N VAL A 12 -16.51 12.47 -27.95
CA VAL A 12 -16.77 11.09 -28.35
C VAL A 12 -16.32 10.09 -27.27
N ALA A 13 -15.09 10.22 -26.80
CA ALA A 13 -14.54 9.23 -25.84
C ALA A 13 -15.35 9.21 -24.55
N LEU A 14 -15.81 10.39 -24.11
CA LEU A 14 -16.51 10.47 -22.84
C LEU A 14 -18.02 10.56 -22.99
N ASP A 15 -18.53 10.50 -24.23
CA ASP A 15 -19.95 10.73 -24.50
C ASP A 15 -20.37 12.03 -23.79
N ALA A 16 -19.72 13.13 -24.13
CA ALA A 16 -19.87 14.39 -23.39
C ALA A 16 -20.31 15.53 -24.30
N ARG A 17 -20.90 16.56 -23.73
CA ARG A 17 -21.17 17.80 -24.45
C ARG A 17 -20.28 18.92 -23.91
N LEU A 18 -19.54 19.59 -24.78
CA LEU A 18 -18.76 20.76 -24.37
C LEU A 18 -19.65 22.00 -24.28
N ILE A 19 -19.58 22.70 -23.15
CA ILE A 19 -20.32 23.93 -22.91
C ILE A 19 -19.33 25.06 -22.62
N GLY A 20 -19.23 26.04 -23.53
CA GLY A 20 -18.26 27.13 -23.43
C GLY A 20 -17.09 26.91 -24.37
N GLU A 21 -15.99 27.64 -24.18
CA GLU A 21 -14.84 27.52 -25.08
C GLU A 21 -14.08 26.22 -24.88
N ASP A 22 -13.29 25.90 -25.90
CA ASP A 22 -12.42 24.74 -25.88
C ASP A 22 -11.22 25.06 -25.01
N ALA A 23 -10.57 24.02 -24.54
CA ALA A 23 -9.41 24.19 -23.71
C ALA A 23 -8.59 22.92 -23.75
N VAL A 24 -7.35 23.08 -23.33
CA VAL A 24 -6.36 22.01 -23.30
C VAL A 24 -5.86 21.86 -21.87
N PHE A 25 -5.90 20.64 -21.33
CA PHE A 25 -5.35 20.38 -20.01
C PHE A 25 -4.21 19.35 -20.04
N SER A 26 -3.32 19.50 -19.07
CA SER A 26 -2.15 18.62 -18.97
C SER A 26 -2.08 17.77 -17.70
N ALA A 27 -3.07 17.90 -16.80
CA ALA A 27 -3.23 17.02 -15.63
C ALA A 27 -4.66 17.20 -15.13
N VAL A 28 -5.08 16.39 -14.16
CA VAL A 28 -6.40 16.49 -13.59
C VAL A 28 -6.33 16.57 -12.07
N SER A 29 -7.34 17.21 -11.48
CA SER A 29 -7.56 17.18 -10.04
C SER A 29 -9.05 16.93 -9.74
N THR A 30 -9.32 16.17 -8.69
CA THR A 30 -10.68 15.98 -8.16
C THR A 30 -10.95 16.80 -6.90
N ASP A 31 -10.15 17.84 -6.65
CA ASP A 31 -10.22 18.53 -5.35
C ASP A 31 -9.80 19.97 -5.50
N SER A 32 -10.73 20.87 -5.22
CA SER A 32 -10.49 22.31 -5.37
C SER A 32 -9.45 22.82 -4.38
N ARG A 33 -9.14 22.03 -3.34
CA ARG A 33 -8.10 22.36 -2.37
C ARG A 33 -6.67 21.99 -2.84
N ALA A 34 -6.54 21.36 -4.00
CA ALA A 34 -5.26 20.96 -4.58
C ALA A 34 -5.38 20.96 -6.13
N ILE A 35 -5.46 22.14 -6.70
CA ILE A 35 -5.53 22.26 -8.13
C ILE A 35 -4.74 23.51 -8.48
N GLY A 36 -4.29 23.62 -9.72
CA GLY A 36 -3.51 24.76 -10.23
C GLY A 36 -3.71 24.95 -11.73
N PRO A 37 -2.96 25.89 -12.33
CA PRO A 37 -3.03 26.21 -13.76
C PRO A 37 -2.88 24.99 -14.68
N GLY A 38 -3.66 24.97 -15.74
CA GLY A 38 -3.52 23.93 -16.75
C GLY A 38 -4.33 22.68 -16.44
N GLU A 39 -5.02 22.65 -15.30
CA GLU A 39 -5.62 21.42 -14.87
C GLU A 39 -7.12 21.38 -15.11
N LEU A 40 -7.60 20.16 -15.41
CA LEU A 40 -9.02 19.88 -15.52
C LEU A 40 -9.50 19.54 -14.13
N PHE A 41 -10.53 20.23 -13.64
CA PHE A 41 -11.19 19.83 -12.37
C PHE A 41 -12.28 18.81 -12.68
N ILE A 42 -12.36 17.76 -11.89
CA ILE A 42 -13.41 16.77 -12.05
C ILE A 42 -14.30 16.86 -10.82
N ALA A 43 -15.57 17.18 -11.03
CA ALA A 43 -16.48 17.36 -9.94
C ALA A 43 -17.13 16.04 -9.59
N LEU A 44 -16.84 15.54 -8.38
CA LEU A 44 -17.42 14.34 -7.83
C LEU A 44 -18.37 14.67 -6.69
N SER A 45 -19.48 13.97 -6.68
CA SER A 45 -20.46 14.10 -5.61
C SER A 45 -20.10 13.12 -4.52
N GLY A 46 -20.01 13.55 -3.27
CA GLY A 46 -19.64 12.61 -2.19
C GLY A 46 -20.61 12.58 -1.00
N PRO A 47 -20.25 11.85 0.08
CA PRO A 47 -21.14 11.77 1.25
C PRO A 47 -21.13 13.02 2.10
N ARG A 48 -20.11 13.87 1.95
CA ARG A 48 -19.98 15.09 2.71
C ARG A 48 -20.04 16.34 1.81
N PHE A 49 -19.37 16.32 0.66
CA PHE A 49 -19.32 17.48 -0.21
C PHE A 49 -19.70 17.09 -1.64
N ASP A 50 -19.94 18.12 -2.44
CA ASP A 50 -20.22 17.96 -3.84
C ASP A 50 -19.26 18.84 -4.56
N GLY A 51 -18.35 18.23 -5.30
CA GLY A 51 -17.39 18.98 -6.11
C GLY A 51 -17.97 20.06 -7.00
N HIS A 52 -19.23 19.90 -7.44
CA HIS A 52 -19.87 20.92 -8.31
C HIS A 52 -20.06 22.30 -7.63
N ASP A 53 -19.95 22.35 -6.31
CA ASP A 53 -20.06 23.61 -5.57
C ASP A 53 -18.82 24.50 -5.66
N TYR A 54 -17.71 24.01 -6.24
CA TYR A 54 -16.45 24.72 -6.08
C TYR A 54 -15.90 25.26 -7.40
N LEU A 55 -16.78 25.53 -8.36
CA LEU A 55 -16.31 25.99 -9.68
C LEU A 55 -15.64 27.36 -9.62
N ALA A 56 -16.16 28.24 -8.78
CA ALA A 56 -15.53 29.54 -8.63
C ALA A 56 -14.09 29.39 -8.10
N GLU A 57 -13.90 28.56 -7.09
CA GLU A 57 -12.59 28.35 -6.49
C GLU A 57 -11.59 27.78 -7.51
N VAL A 58 -11.98 26.75 -8.27
CA VAL A 58 -11.05 26.13 -9.23
C VAL A 58 -10.73 27.10 -10.34
N ALA A 59 -11.72 27.85 -10.78
CA ALA A 59 -11.49 28.81 -11.84
C ALA A 59 -10.48 29.87 -11.38
N ALA A 60 -10.63 30.35 -10.15
CA ALA A 60 -9.73 31.39 -9.62
C ALA A 60 -8.29 30.87 -9.43
N LYS A 61 -8.15 29.56 -9.16
CA LYS A 61 -6.82 28.94 -9.08
C LYS A 61 -6.21 28.55 -10.45
N GLY A 62 -6.93 28.79 -11.54
CA GLY A 62 -6.41 28.54 -12.89
C GLY A 62 -6.79 27.23 -13.59
N ALA A 63 -7.78 26.49 -13.08
CA ALA A 63 -8.27 25.33 -13.78
C ALA A 63 -8.84 25.77 -15.12
N VAL A 64 -8.59 24.98 -16.16
CA VAL A 64 -8.98 25.37 -17.50
C VAL A 64 -10.40 25.00 -17.81
N ALA A 65 -10.95 24.05 -17.05
CA ALA A 65 -12.30 23.56 -17.31
C ALA A 65 -12.74 22.64 -16.18
N ALA A 66 -14.03 22.29 -16.18
CA ALA A 66 -14.58 21.33 -15.25
C ALA A 66 -15.34 20.22 -15.93
N LEU A 67 -15.06 19.00 -15.48
CA LEU A 67 -15.84 17.79 -15.84
C LEU A 67 -16.97 17.63 -14.85
N VAL A 68 -18.23 17.67 -15.34
CA VAL A 68 -19.40 17.79 -14.51
C VAL A 68 -20.50 16.85 -15.01
N GLU A 69 -21.39 16.46 -14.12
CA GLU A 69 -22.50 15.59 -14.46
C GLU A 69 -23.85 16.35 -14.41
N ARG A 70 -23.80 17.62 -14.03
CA ARG A 70 -24.91 18.53 -14.29
C ARG A 70 -24.35 19.90 -14.66
N GLU A 71 -25.07 20.60 -15.53
CA GLU A 71 -24.69 21.92 -15.97
C GLU A 71 -24.95 22.90 -14.84
N VAL A 72 -23.92 23.58 -14.38
CA VAL A 72 -24.08 24.60 -13.34
C VAL A 72 -24.39 25.90 -14.06
N ALA A 73 -25.39 26.62 -13.58
CA ALA A 73 -25.75 27.91 -14.18
C ALA A 73 -24.66 28.94 -13.88
N ALA A 75 -21.64 29.13 -15.13
CA ALA A 75 -20.40 28.62 -14.61
C ALA A 75 -19.25 29.56 -15.02
N PRO A 76 -18.24 29.68 -14.15
CA PRO A 76 -17.12 30.56 -14.44
C PRO A 76 -16.04 29.97 -15.34
N LEU A 77 -16.20 28.73 -15.80
CA LEU A 77 -15.26 28.13 -16.75
C LEU A 77 -15.97 27.15 -17.68
N PRO A 78 -15.27 26.69 -18.73
CA PRO A 78 -15.91 25.72 -19.61
C PRO A 78 -16.24 24.43 -18.88
N GLN A 79 -17.40 23.86 -19.23
CA GLN A 79 -17.86 22.58 -18.70
C GLN A 79 -17.90 21.52 -19.77
N LEU A 80 -17.41 20.33 -19.42
CA LEU A 80 -17.60 19.15 -20.25
C LEU A 80 -18.60 18.33 -19.48
N LEU A 81 -19.81 18.25 -20.02
CA LEU A 81 -20.92 17.61 -19.35
C LEU A 81 -21.03 16.14 -19.74
N VAL A 82 -21.07 15.28 -18.74
CA VAL A 82 -21.25 13.84 -18.92
C VAL A 82 -22.39 13.36 -18.04
N ARG A 83 -22.87 12.13 -18.24
CA ARG A 83 -23.82 11.54 -17.30
C ARG A 83 -23.24 11.13 -15.96
N ASP A 84 -21.98 10.68 -15.90
CA ASP A 84 -21.42 10.18 -14.62
C ASP A 84 -19.92 10.51 -14.55
N THR A 85 -19.55 11.44 -13.64
CA THR A 85 -18.17 11.89 -13.54
C THR A 85 -17.22 10.82 -13.00
N ARG A 86 -17.71 9.89 -12.18
CA ARG A 86 -16.89 8.72 -11.77
C ARG A 86 -16.50 7.87 -12.97
N ALA A 87 -17.49 7.59 -13.82
CA ALA A 87 -17.27 6.80 -15.02
C ALA A 87 -16.39 7.53 -16.03
N ALA A 88 -16.59 8.85 -16.19
CA ALA A 88 -15.72 9.63 -17.07
C ALA A 88 -14.25 9.64 -16.58
N LEU A 89 -14.03 9.76 -15.27
CA LEU A 89 -12.66 9.70 -14.72
C LEU A 89 -12.02 8.34 -15.15
N GLY A 90 -12.83 7.27 -15.03
CA GLY A 90 -12.39 5.92 -15.38
C GLY A 90 -11.95 5.86 -16.82
N ARG A 91 -12.77 6.42 -17.72
CA ARG A 91 -12.45 6.46 -19.14
C ARG A 91 -11.18 7.23 -19.46
N LEU A 92 -10.96 8.35 -18.76
CA LEU A 92 -9.72 9.13 -18.89
C LEU A 92 -8.49 8.34 -18.41
N GLY A 93 -8.63 7.62 -17.29
CA GLY A 93 -7.58 6.70 -16.86
C GLY A 93 -7.24 5.66 -17.94
N ALA A 94 -8.26 4.98 -18.46
CA ALA A 94 -8.07 3.95 -19.49
C ALA A 94 -7.42 4.54 -20.71
N LEU A 95 -7.90 5.71 -21.10
CA LEU A 95 -7.41 6.41 -22.28
C LEU A 95 -5.91 6.72 -22.16
N ASN A 96 -5.50 7.24 -21.00
CA ASN A 96 -4.09 7.55 -20.78
C ASN A 96 -3.21 6.28 -20.71
N ARG A 97 -3.73 5.24 -20.06
CA ARG A 97 -3.03 3.98 -19.99
C ARG A 97 -2.69 3.45 -21.37
N ARG A 98 -3.61 3.60 -22.34
CA ARG A 98 -3.41 3.08 -23.70
C ARG A 98 -2.40 3.87 -24.55
N LYS A 99 -2.03 5.05 -24.10
CA LYS A 99 -0.89 5.76 -24.66
C LYS A 99 0.45 5.30 -24.06
N PHE A 100 0.42 4.64 -22.90
CA PHE A 100 1.65 4.14 -22.22
C PHE A 100 2.00 2.79 -22.80
N THR A 101 3.26 2.60 -23.21
CA THR A 101 3.67 1.38 -23.90
C THR A 101 4.64 0.53 -23.12
N GLY A 102 5.03 0.95 -21.91
CA GLY A 102 5.92 0.19 -21.10
C GLY A 102 5.27 -0.95 -20.36
N PRO A 103 6.11 -1.84 -19.77
CA PRO A 103 5.66 -2.96 -18.94
C PRO A 103 4.85 -2.43 -17.75
N LEU A 104 3.75 -3.10 -17.42
CA LEU A 104 2.89 -2.69 -16.34
C LEU A 104 2.45 -3.94 -15.53
N ALA A 105 2.69 -3.91 -14.23
CA ALA A 105 2.21 -4.97 -13.34
C ALA A 105 1.15 -4.41 -12.42
N ALA A 106 0.18 -5.27 -12.09
CA ALA A 106 -0.87 -4.92 -11.15
C ALA A 106 -0.98 -6.02 -10.08
N MET A 107 -1.39 -5.62 -8.88
CA MET A 107 -1.39 -6.51 -7.71
C MET A 107 -2.56 -6.19 -6.81
N THR A 108 -3.14 -7.25 -6.24
CA THR A 108 -4.22 -7.13 -5.26
C THR A 108 -4.03 -8.26 -4.25
N GLY A 109 -4.88 -8.25 -3.21
CA GLY A 109 -4.86 -9.26 -2.15
C GLY A 109 -5.16 -8.59 -0.81
N SER A 110 -4.45 -8.99 0.26
CA SER A 110 -4.46 -8.32 1.59
C SER A 110 -3.70 -6.95 1.53
N SER A 111 -3.34 -6.41 2.69
CA SER A 111 -2.42 -5.24 2.80
C SER A 111 -1.00 -5.57 2.32
N GLY A 112 -0.70 -6.88 2.20
CA GLY A 112 0.49 -7.37 1.51
C GLY A 112 0.63 -6.81 0.10
N LYS A 113 -0.46 -6.36 -0.51
CA LYS A 113 -0.35 -5.81 -1.88
C LYS A 113 0.50 -4.57 -1.93
N THR A 114 0.45 -3.74 -0.90
CA THR A 114 1.26 -2.53 -0.83
C THR A 114 2.76 -2.84 -0.70
N THR A 115 3.04 -3.78 0.00
CA THR A 115 4.41 -4.25 0.19
C THR A 115 4.92 -4.93 -1.09
N VAL A 116 4.20 -5.73 -1.67
CA VAL A 116 4.61 -6.25 -2.99
C VAL A 116 4.82 -5.11 -4.01
N LYS A 117 3.91 -4.13 -4.04
CA LYS A 117 4.09 -2.93 -4.89
C LYS A 117 5.43 -2.27 -4.60
N GLU A 118 5.72 -2.00 -3.32
CA GLU A 118 6.95 -1.30 -2.95
C GLU A 118 8.23 -2.13 -3.20
N MET A 119 8.15 -3.45 -2.98
CA MET A 119 9.22 -4.36 -3.38
C MET A 119 9.49 -4.35 -4.87
N LEU A 120 8.42 -4.50 -5.66
CA LEU A 120 8.59 -4.55 -7.10
C LEU A 120 9.10 -3.22 -7.66
N ALA A 121 8.56 -2.12 -7.14
CA ALA A 121 9.02 -0.79 -7.51
C ALA A 121 10.49 -0.60 -7.15
N SER A 122 10.91 -1.11 -6.00
CA SER A 122 12.32 -1.05 -5.61
C SER A 122 13.18 -1.85 -6.58
N ILE A 123 12.73 -3.05 -6.94
CA ILE A 123 13.45 -3.84 -7.93
C ILE A 123 13.61 -3.08 -9.25
N LEU A 124 12.50 -2.58 -9.78
CA LEU A 124 12.53 -1.90 -11.08
C LEU A 124 13.36 -0.62 -11.02
N ARG A 125 13.26 0.16 -9.95
CA ARG A 125 14.00 1.39 -9.89
C ARG A 125 15.51 1.17 -9.73
N THR A 126 15.89 0.14 -8.97
CA THR A 126 17.27 -0.22 -8.72
C THR A 126 17.92 -0.71 -10.00
N GLN A 127 17.20 -1.57 -10.74
CA GLN A 127 17.68 -2.13 -11.99
C GLN A 127 17.91 -1.00 -12.99
N ALA A 128 16.99 -0.03 -13.00
CA ALA A 128 17.10 1.09 -13.91
C ALA A 128 18.07 2.18 -13.44
N GLY A 129 18.40 2.20 -12.16
CA GLY A 129 19.23 3.25 -11.57
C GLY A 129 18.53 4.59 -11.64
N ASP A 130 17.19 4.59 -11.65
CA ASP A 130 16.41 5.79 -11.93
C ASP A 130 15.01 5.70 -11.29
N ALA A 131 14.83 6.32 -10.13
CA ALA A 131 13.56 6.21 -9.42
C ALA A 131 12.38 6.84 -10.16
N GLU A 132 12.63 7.94 -10.88
CA GLU A 132 11.55 8.64 -11.58
C GLU A 132 11.01 7.95 -12.81
N SER A 133 11.75 6.97 -13.32
CA SER A 133 11.36 6.20 -14.51
C SER A 133 10.32 5.12 -14.22
N VAL A 134 10.02 4.89 -12.95
CA VAL A 134 9.03 3.89 -12.56
C VAL A 134 7.85 4.53 -11.84
N LEU A 135 6.66 4.39 -12.39
CA LEU A 135 5.47 4.90 -11.69
C LEU A 135 4.89 3.81 -10.78
N ALA A 136 4.56 4.15 -9.54
CA ALA A 136 3.92 3.24 -8.60
C ALA A 136 2.77 4.01 -7.95
N THR A 137 1.68 3.30 -7.69
CA THR A 137 0.53 3.88 -6.99
C THR A 137 1.04 4.60 -5.72
N ARG A 138 0.70 5.89 -5.60
CA ARG A 138 1.02 6.67 -4.39
C ARG A 138 0.06 6.27 -3.25
N GLY A 139 0.63 5.88 -2.11
CA GLY A 139 -0.17 5.37 -0.97
C GLY A 139 -1.10 4.24 -1.39
N ASN A 140 -2.38 4.38 -1.01
CA ASN A 140 -3.37 3.37 -1.34
C ASN A 140 -4.45 3.94 -2.32
N LEU A 141 -4.03 4.75 -3.29
CA LEU A 141 -4.94 5.32 -4.33
C LEU A 141 -5.31 4.23 -5.33
N ASN A 142 -6.20 3.35 -4.90
CA ASN A 142 -6.33 2.01 -5.47
C ASN A 142 -7.76 1.52 -5.75
N ASN A 143 -8.75 2.39 -5.58
CA ASN A 143 -10.16 2.01 -5.78
C ASN A 143 -10.69 2.52 -7.13
N ASP A 144 -12.01 2.45 -7.34
CA ASP A 144 -12.60 2.89 -8.60
C ASP A 144 -12.28 4.36 -8.99
N LEU A 145 -11.87 5.20 -8.03
CA LEU A 145 -11.35 6.54 -8.32
C LEU A 145 -9.81 6.58 -8.28
N GLY A 146 -9.18 5.92 -7.30
CA GLY A 146 -7.73 5.99 -7.11
C GLY A 146 -6.94 5.40 -8.28
N VAL A 147 -7.42 4.29 -8.83
CA VAL A 147 -6.80 3.65 -10.01
C VAL A 147 -6.74 4.57 -11.23
N PRO A 148 -7.90 5.08 -11.70
CA PRO A 148 -7.73 5.96 -12.85
C PRO A 148 -6.95 7.26 -12.57
N LEU A 149 -7.05 7.84 -11.38
CA LEU A 149 -6.14 8.97 -11.03
C LEU A 149 -4.65 8.55 -11.16
N THR A 150 -4.31 7.34 -10.70
CA THR A 150 -2.96 6.83 -10.84
C THR A 150 -2.56 6.64 -12.29
N LEU A 151 -3.45 6.09 -13.11
CA LEU A 151 -3.12 5.85 -14.51
C LEU A 151 -2.91 7.20 -15.24
N LEU A 152 -3.60 8.25 -14.78
CA LEU A 152 -3.46 9.59 -15.35
C LEU A 152 -2.09 10.23 -15.02
N GLN A 153 -1.40 9.73 -14.01
CA GLN A 153 -0.02 10.15 -13.70
C GLN A 153 1.02 9.61 -14.69
N LEU A 154 0.67 8.58 -15.47
CA LEU A 154 1.63 8.02 -16.44
C LEU A 154 2.01 9.12 -17.39
N ALA A 155 3.31 9.25 -17.63
CA ALA A 155 3.90 10.42 -18.27
C ALA A 155 5.06 9.98 -19.16
N PRO A 156 5.55 10.87 -20.03
CA PRO A 156 6.62 10.44 -20.97
C PRO A 156 7.94 9.95 -20.32
N GLN A 157 8.21 10.33 -19.08
CA GLN A 157 9.44 9.84 -18.40
C GLN A 157 9.29 8.41 -17.88
N HIS A 158 8.09 7.88 -17.81
CA HIS A 158 7.93 6.53 -17.25
C HIS A 158 8.27 5.44 -18.24
N ARG A 159 9.06 4.48 -17.76
CA ARG A 159 9.37 3.28 -18.52
C ARG A 159 8.66 2.02 -18.05
N SER A 160 8.17 2.01 -16.82
CA SER A 160 7.42 0.90 -16.29
C SER A 160 6.53 1.40 -15.17
N ALA A 161 5.54 0.59 -14.77
CA ALA A 161 4.48 0.95 -13.80
C ALA A 161 4.07 -0.24 -12.95
N VAL A 162 3.70 0.07 -11.71
CA VAL A 162 3.36 -0.88 -10.68
C VAL A 162 2.11 -0.34 -10.02
N ILE A 163 0.97 -0.95 -10.32
CA ILE A 163 -0.35 -0.50 -9.89
C ILE A 163 -0.97 -1.45 -8.85
N GLU A 164 -1.38 -0.86 -7.72
CA GLU A 164 -2.11 -1.52 -6.66
C GLU A 164 -3.65 -1.40 -6.94
N LEU A 165 -4.40 -2.49 -6.80
CA LEU A 165 -5.85 -2.47 -6.91
C LEU A 165 -6.45 -2.98 -5.60
N GLY A 166 -7.38 -2.21 -5.08
CA GLY A 166 -8.12 -2.51 -3.86
C GLY A 166 -9.59 -2.71 -4.19
N ALA A 167 -10.35 -3.30 -3.26
CA ALA A 167 -11.80 -3.54 -3.41
C ALA A 167 -12.49 -3.67 -2.06
N SER A 168 -13.75 -3.22 -2.01
CA SER A 168 -14.63 -3.59 -0.89
C SER A 168 -15.92 -4.22 -1.40
N ARG A 169 -15.94 -4.58 -2.69
CA ARG A 169 -17.09 -5.23 -3.27
C ARG A 169 -16.72 -6.00 -4.51
N ILE A 170 -17.58 -6.96 -4.86
CA ILE A 170 -17.54 -7.65 -6.12
C ILE A 170 -17.68 -6.65 -7.28
N GLY A 171 -16.92 -6.87 -8.33
CA GLY A 171 -16.98 -6.05 -9.51
C GLY A 171 -15.96 -4.91 -9.52
N GLU A 172 -15.45 -4.50 -8.38
CA GLU A 172 -14.60 -3.30 -8.36
C GLU A 172 -13.26 -3.51 -9.08
N ILE A 173 -12.54 -4.55 -8.69
CA ILE A 173 -11.30 -4.95 -9.39
C ILE A 173 -11.53 -5.29 -10.86
N ALA A 174 -12.63 -5.97 -11.20
CA ALA A 174 -12.93 -6.22 -12.63
C ALA A 174 -13.02 -4.90 -13.43
N TYR A 175 -13.62 -3.87 -12.84
CA TYR A 175 -13.73 -2.57 -13.44
C TYR A 175 -12.34 -1.93 -13.57
N THR A 176 -11.59 -1.88 -12.47
CA THR A 176 -10.31 -1.18 -12.53
C THR A 176 -9.20 -1.92 -13.31
N VAL A 177 -9.20 -3.26 -13.26
CA VAL A 177 -8.23 -4.02 -14.02
C VAL A 177 -8.49 -3.87 -15.53
N GLU A 178 -9.75 -3.66 -15.88
CA GLU A 178 -10.05 -3.41 -17.30
C GLU A 178 -9.46 -2.07 -17.79
N LEU A 179 -9.52 -1.04 -16.93
CA LEU A 179 -8.80 0.22 -17.19
C LEU A 179 -7.29 0.03 -17.28
N THR A 180 -6.77 -0.86 -16.44
CA THR A 180 -5.33 -0.93 -16.17
C THR A 180 -4.57 -1.78 -17.21
N ARG A 181 -5.20 -2.87 -17.67
CA ARG A 181 -4.57 -3.83 -18.64
C ARG A 181 -3.15 -4.18 -18.35
N PRO A 182 -2.93 -4.89 -17.24
CA PRO A 182 -1.57 -5.25 -16.90
C PRO A 182 -1.00 -6.40 -17.76
N HIS A 183 0.34 -6.46 -17.85
CA HIS A 183 1.07 -7.61 -18.48
C HIS A 183 1.29 -8.74 -17.46
N VAL A 184 1.28 -8.38 -16.18
CA VAL A 184 1.52 -9.31 -15.08
C VAL A 184 0.53 -8.96 -13.98
N ALA A 185 -0.24 -9.94 -13.50
CA ALA A 185 -1.19 -9.73 -12.41
C ALA A 185 -0.84 -10.63 -11.22
N ILE A 186 -0.76 -10.05 -10.03
CA ILE A 186 -0.37 -10.78 -8.82
C ILE A 186 -1.52 -10.79 -7.82
N ILE A 187 -1.80 -11.97 -7.23
CA ILE A 187 -2.70 -12.03 -6.08
C ILE A 187 -1.86 -12.54 -4.90
N THR A 188 -1.72 -11.72 -3.86
CA THR A 188 -0.93 -12.11 -2.73
C THR A 188 -1.57 -13.24 -1.92
N ASN A 189 -2.89 -13.13 -1.69
CA ASN A 189 -3.72 -14.02 -0.83
C ASN A 189 -5.17 -13.49 -0.77
N ALA A 190 -6.09 -14.30 -0.26
CA ALA A 190 -7.46 -13.85 -0.01
C ALA A 190 -7.78 -13.90 1.48
N PHE A 198 -17.98 -7.15 1.29
CA PHE A 198 -17.87 -8.14 0.21
C PHE A 198 -19.03 -9.13 0.23
N GLY A 199 -19.44 -9.53 1.43
CA GLY A 199 -20.46 -10.58 1.62
C GLY A 199 -19.90 -11.98 1.89
N GLY A 200 -18.74 -12.07 2.54
CA GLY A 200 -18.19 -13.33 3.01
C GLY A 200 -16.88 -13.81 2.36
N PRO A 201 -16.32 -14.92 2.87
CA PRO A 201 -15.04 -15.44 2.39
C PRO A 201 -15.04 -15.85 0.94
N GLU A 202 -16.11 -16.42 0.43
CA GLU A 202 -16.05 -16.78 -0.98
C GLU A 202 -16.21 -15.56 -1.92
N LYS A 203 -16.87 -14.51 -1.45
CA LYS A 203 -16.97 -13.25 -2.18
C LYS A 203 -15.60 -12.57 -2.30
N ILE A 204 -14.82 -12.58 -1.21
CA ILE A 204 -13.46 -12.09 -1.23
C ILE A 204 -12.66 -12.81 -2.32
N VAL A 205 -12.78 -14.14 -2.39
CA VAL A 205 -11.99 -14.94 -3.33
C VAL A 205 -12.40 -14.60 -4.76
N GLU A 206 -13.71 -14.44 -4.98
CA GLU A 206 -14.19 -14.04 -6.29
C GLU A 206 -13.67 -12.65 -6.67
N ALA A 207 -13.73 -11.70 -5.73
CA ALA A 207 -13.27 -10.35 -6.02
C ALA A 207 -11.80 -10.33 -6.41
N LYS A 208 -10.94 -10.91 -5.60
CA LYS A 208 -9.49 -10.91 -5.91
C LYS A 208 -9.17 -11.59 -7.26
N GLY A 209 -9.90 -12.63 -7.60
CA GLY A 209 -9.74 -13.31 -8.89
C GLY A 209 -10.06 -12.51 -10.14
N GLU A 210 -10.85 -11.45 -9.98
CA GLU A 210 -11.17 -10.52 -11.07
C GLU A 210 -9.91 -9.92 -11.72
N ILE A 211 -8.81 -9.82 -10.97
CA ILE A 211 -7.59 -9.23 -11.53
C ILE A 211 -7.08 -10.06 -12.70
N LEU A 212 -7.31 -11.35 -12.66
CA LEU A 212 -6.87 -12.25 -13.73
C LEU A 212 -7.60 -11.96 -15.04
N GLU A 213 -8.82 -11.42 -14.97
CA GLU A 213 -9.59 -11.19 -16.20
C GLU A 213 -9.02 -10.01 -16.98
N GLY A 214 -8.14 -9.21 -16.37
CA GLY A 214 -7.54 -8.07 -17.07
C GLY A 214 -6.31 -8.42 -17.87
N LEU A 215 -5.83 -9.67 -17.73
CA LEU A 215 -4.71 -10.16 -18.53
C LEU A 215 -5.14 -10.61 -19.92
N ALA A 216 -4.27 -10.35 -20.89
CA ALA A 216 -4.36 -10.96 -22.22
C ALA A 216 -4.11 -12.48 -22.14
N ALA A 217 -4.24 -13.18 -23.27
CA ALA A 217 -4.09 -14.63 -23.30
C ALA A 217 -2.69 -15.03 -22.94
N ASP A 218 -1.71 -14.18 -23.19
CA ASP A 218 -0.32 -14.48 -22.80
C ASP A 218 0.18 -13.66 -21.61
N GLY A 219 -0.71 -12.95 -20.89
CA GLY A 219 -0.30 -12.31 -19.61
C GLY A 219 -0.02 -13.31 -18.48
N THR A 220 0.89 -12.96 -17.58
CA THR A 220 1.36 -13.84 -16.52
C THR A 220 0.59 -13.60 -15.21
N ALA A 221 0.03 -14.66 -14.65
CA ALA A 221 -0.52 -14.63 -13.32
C ALA A 221 0.53 -15.13 -12.32
N VAL A 222 0.66 -14.39 -11.23
CA VAL A 222 1.50 -14.74 -10.11
C VAL A 222 0.59 -15.13 -8.93
N LEU A 223 0.64 -16.42 -8.59
CA LEU A 223 -0.27 -17.01 -7.59
C LEU A 223 0.44 -17.72 -6.45
N ASN A 224 -0.17 -17.61 -5.27
CA ASN A 224 0.26 -18.23 -4.05
C ASN A 224 -0.22 -19.69 -3.97
N LEU A 225 0.72 -20.61 -4.13
CA LEU A 225 0.44 -22.04 -4.12
C LEU A 225 -0.10 -22.51 -2.75
N ASP A 226 0.22 -21.75 -1.71
CA ASP A 226 -0.15 -22.07 -0.29
C ASP A 226 -1.56 -21.61 0.09
N ASP A 227 -2.21 -20.82 -0.77
CA ASP A 227 -3.50 -20.21 -0.46
C ASP A 227 -4.58 -21.23 -0.73
N LYS A 228 -5.58 -21.29 0.15
CA LYS A 228 -6.71 -22.19 -0.06
C LYS A 228 -7.46 -21.97 -1.39
N ALA A 229 -7.38 -20.75 -1.93
CA ALA A 229 -8.02 -20.39 -3.18
C ALA A 229 -7.16 -20.61 -4.42
N PHE A 230 -6.00 -21.24 -4.28
CA PHE A 230 -5.17 -21.50 -5.44
C PHE A 230 -5.92 -22.19 -6.59
N ASP A 231 -6.62 -23.28 -6.29
CA ASP A 231 -7.25 -24.01 -7.37
C ASP A 231 -8.27 -23.14 -8.14
N THR A 232 -9.05 -22.38 -7.42
CA THR A 232 -10.07 -21.54 -8.01
C THR A 232 -9.40 -20.49 -8.88
N TRP A 233 -8.34 -19.87 -8.38
CA TRP A 233 -7.67 -18.84 -9.19
C TRP A 233 -7.00 -19.44 -10.44
N LYS A 234 -6.40 -20.61 -10.28
CA LYS A 234 -5.71 -21.25 -11.42
C LYS A 234 -6.73 -21.60 -12.49
N ALA A 235 -7.91 -22.07 -12.08
CA ALA A 235 -8.99 -22.34 -13.04
C ALA A 235 -9.42 -21.06 -13.79
N ARG A 236 -9.57 -19.98 -13.04
CA ARG A 236 -9.97 -18.66 -13.62
C ARG A 236 -8.89 -18.06 -14.54
N ALA A 237 -7.63 -18.36 -14.30
CA ALA A 237 -6.54 -17.97 -15.18
C ALA A 237 -6.65 -18.59 -16.62
N SER A 238 -7.39 -19.69 -16.76
CA SER A 238 -7.77 -20.24 -18.03
C SER A 238 -6.61 -20.51 -18.94
N GLY A 239 -5.53 -21.04 -18.42
CA GLY A 239 -4.44 -21.42 -19.28
C GLY A 239 -3.36 -20.37 -19.49
N ARG A 240 -3.55 -19.15 -18.97
CA ARG A 240 -2.50 -18.13 -19.10
C ARG A 240 -1.22 -18.58 -18.40
N PRO A 241 -0.05 -18.10 -18.86
CA PRO A 241 1.21 -18.39 -18.15
C PRO A 241 1.13 -18.03 -16.66
N LEU A 242 1.67 -18.91 -15.83
CA LEU A 242 1.56 -18.83 -14.38
C LEU A 242 2.95 -18.92 -13.78
N LEU A 243 3.19 -18.11 -12.76
CA LEU A 243 4.33 -18.28 -11.89
C LEU A 243 3.82 -18.45 -10.46
N THR A 244 4.27 -19.48 -9.76
CA THR A 244 3.79 -19.76 -8.42
C THR A 244 4.86 -19.45 -7.42
N PHE A 245 4.40 -19.13 -6.19
CA PHE A 245 5.26 -18.94 -5.04
C PHE A 245 4.80 -19.73 -3.82
N SER A 246 5.74 -20.16 -2.99
CA SER A 246 5.43 -20.92 -1.78
C SER A 246 6.54 -20.83 -0.75
N LEU A 247 6.17 -20.88 0.52
CA LEU A 247 7.14 -21.04 1.60
C LEU A 247 7.32 -22.53 1.92
N ASP A 248 6.43 -23.38 1.41
CA ASP A 248 6.32 -24.79 1.86
C ASP A 248 6.66 -25.82 0.79
N ARG A 249 6.54 -25.47 -0.50
CA ARG A 249 6.40 -26.50 -1.54
C ARG A 249 7.57 -26.50 -2.50
N PRO A 250 8.26 -27.64 -2.66
CA PRO A 250 9.44 -27.69 -3.59
C PRO A 250 9.14 -27.45 -5.09
N GLN A 251 7.89 -27.66 -5.50
CA GLN A 251 7.51 -27.46 -6.89
C GLN A 251 7.10 -26.03 -7.30
N ALA A 252 7.09 -25.08 -6.38
CA ALA A 252 6.71 -23.74 -6.73
C ALA A 252 7.85 -23.17 -7.55
N ASP A 253 7.52 -22.25 -8.43
CA ASP A 253 8.51 -21.57 -9.25
C ASP A 253 9.43 -20.69 -8.43
N PHE A 254 8.90 -20.10 -7.36
CA PHE A 254 9.69 -19.26 -6.45
C PHE A 254 9.51 -19.76 -5.04
N ARG A 255 10.65 -19.94 -4.37
CA ARG A 255 10.71 -20.62 -3.08
C ARG A 255 11.71 -19.92 -2.15
N ALA A 256 11.54 -20.13 -0.84
CA ALA A 256 12.43 -19.60 0.18
C ALA A 256 12.90 -20.75 1.10
N ALA A 257 14.20 -20.85 1.36
CA ALA A 257 14.75 -21.84 2.30
C ALA A 257 15.57 -21.13 3.36
N ASP A 258 15.81 -21.82 4.46
CA ASP A 258 16.63 -21.30 5.55
C ASP A 258 16.21 -19.89 6.01
N LEU A 259 14.92 -19.72 6.28
CA LEU A 259 14.44 -18.50 6.89
C LEU A 259 15.13 -18.30 8.24
N GLN A 260 15.68 -17.10 8.46
CA GLN A 260 16.41 -16.75 9.69
C GLN A 260 16.29 -15.26 9.95
N ARG A 261 16.01 -14.90 11.19
CA ARG A 261 16.03 -13.52 11.58
C ARG A 261 17.45 -13.05 11.80
N ASP A 262 17.80 -11.84 11.38
CA ASP A 262 19.11 -11.24 11.78
C ASP A 262 18.93 -10.68 13.20
N ALA A 263 19.91 -9.93 13.69
CA ALA A 263 19.87 -9.48 15.09
C ALA A 263 18.77 -8.49 15.34
N ARG A 264 18.35 -7.79 14.29
CA ARG A 264 17.28 -6.79 14.40
C ARG A 264 15.89 -7.45 14.47
N GLY A 265 15.82 -8.72 14.09
CA GLY A 265 14.55 -9.43 13.89
C GLY A 265 14.12 -9.48 12.42
N CYS A 266 14.86 -8.81 11.54
CA CYS A 266 14.50 -8.78 10.11
C CYS A 266 14.74 -10.13 9.42
N MET A 267 13.82 -10.53 8.56
CA MET A 267 13.88 -11.81 7.90
C MET A 267 14.91 -11.87 6.79
N GLY A 268 15.71 -12.94 6.83
CA GLY A 268 16.61 -13.32 5.75
C GLY A 268 16.19 -14.67 5.22
N PHE A 269 16.56 -14.96 3.98
CA PHE A 269 16.29 -16.25 3.39
C PHE A 269 17.16 -16.53 2.17
N ARG A 270 17.12 -17.76 1.74
CA ARG A 270 17.68 -18.18 0.48
C ARG A 270 16.55 -18.30 -0.57
N LEU A 271 16.60 -17.41 -1.55
CA LEU A 271 15.71 -17.46 -2.68
C LEU A 271 16.09 -18.66 -3.55
N GLN A 272 15.08 -19.41 -3.97
CA GLN A 272 15.29 -20.52 -4.88
C GLN A 272 14.25 -20.49 -5.98
N GLY A 273 14.52 -21.33 -6.99
CA GLY A 273 13.56 -21.55 -8.07
C GLY A 273 14.08 -21.04 -9.40
N VAL A 274 13.14 -20.64 -10.24
CA VAL A 274 13.44 -20.48 -11.67
C VAL A 274 14.32 -19.28 -12.01
N ALA A 275 14.48 -18.31 -11.10
CA ALA A 275 15.36 -17.17 -11.32
C ALA A 275 16.79 -17.45 -10.87
N GLY A 276 16.95 -18.54 -10.12
CA GLY A 276 18.23 -18.93 -9.58
C GLY A 276 18.20 -18.85 -8.07
N GLU A 277 19.37 -19.02 -7.47
CA GLU A 277 19.51 -19.11 -6.01
C GLU A 277 20.36 -17.97 -5.49
N ALA A 278 19.91 -17.37 -4.40
CA ALA A 278 20.65 -16.28 -3.80
C ALA A 278 20.19 -15.99 -2.37
N GLN A 279 21.11 -15.47 -1.56
CA GLN A 279 20.80 -15.04 -0.20
C GLN A 279 20.19 -13.67 -0.25
N VAL A 280 19.13 -13.50 0.54
CA VAL A 280 18.41 -12.22 0.64
C VAL A 280 18.14 -11.88 2.08
N GLN A 281 18.58 -10.69 2.50
CA GLN A 281 18.28 -10.14 3.80
C GLN A 281 17.38 -8.93 3.61
N LEU A 282 16.14 -9.07 4.06
CA LEU A 282 15.19 -7.97 4.02
C LEU A 282 15.45 -7.04 5.21
N ASN A 283 14.91 -5.84 5.12
CA ASN A 283 14.91 -4.90 6.21
C ASN A 283 13.55 -4.81 6.90
N LEU A 284 12.80 -5.91 6.83
CA LEU A 284 11.42 -5.96 7.25
C LEU A 284 11.24 -7.13 8.17
N LEU A 285 10.32 -6.99 9.09
CA LEU A 285 10.00 -8.06 10.06
C LEU A 285 8.94 -8.96 9.42
N GLY A 286 8.86 -10.22 9.85
CA GLY A 286 7.68 -11.04 9.55
C GLY A 286 7.84 -12.07 8.45
N ARG A 287 7.58 -13.29 8.82
CA ARG A 287 7.62 -14.39 7.85
C ARG A 287 6.77 -14.15 6.56
N HIS A 288 5.58 -13.60 6.73
CA HIS A 288 4.69 -13.26 5.58
C HIS A 288 5.36 -12.30 4.57
N ASN A 289 6.28 -11.44 5.04
CA ASN A 289 7.01 -10.57 4.11
C ASN A 289 8.02 -11.31 3.23
N VAL A 290 8.38 -12.53 3.62
CA VAL A 290 9.18 -13.37 2.76
C VAL A 290 8.32 -13.82 1.59
N ALA A 291 7.10 -14.20 1.88
CA ALA A 291 6.16 -14.57 0.83
C ALA A 291 5.88 -13.38 -0.13
N ASN A 292 5.71 -12.18 0.41
CA ASN A 292 5.57 -10.96 -0.43
C ASN A 292 6.82 -10.75 -1.29
N ALA A 293 7.99 -11.00 -0.73
CA ALA A 293 9.25 -10.91 -1.50
C ALA A 293 9.29 -11.89 -2.68
N LEU A 294 8.78 -13.11 -2.45
CA LEU A 294 8.66 -14.14 -3.52
C LEU A 294 7.72 -13.71 -4.62
N ALA A 295 6.60 -13.08 -4.25
CA ALA A 295 5.64 -12.62 -5.24
C ALA A 295 6.26 -11.48 -6.07
N ALA A 296 6.98 -10.55 -5.42
CA ALA A 296 7.65 -9.45 -6.12
C ALA A 296 8.74 -10.00 -7.07
N ALA A 297 9.52 -10.98 -6.58
CA ALA A 297 10.54 -11.69 -7.36
C ALA A 297 9.94 -12.31 -8.62
N ALA A 298 8.79 -12.96 -8.48
CA ALA A 298 8.15 -13.65 -9.60
C ALA A 298 7.72 -12.64 -10.65
N ALA A 299 7.09 -11.57 -10.18
CA ALA A 299 6.67 -10.49 -11.09
C ALA A 299 7.84 -9.84 -11.81
N ALA A 300 8.92 -9.57 -11.08
CA ALA A 300 10.10 -8.97 -11.67
C ALA A 300 10.76 -9.91 -12.71
N HIS A 301 10.83 -11.21 -12.35
CA HIS A 301 11.33 -12.23 -13.27
C HIS A 301 10.53 -12.18 -14.56
N ALA A 302 9.20 -12.16 -14.44
CA ALA A 302 8.30 -12.10 -15.60
C ALA A 302 8.57 -10.88 -16.48
N LEU A 303 8.97 -9.79 -15.82
CA LEU A 303 9.25 -8.53 -16.54
C LEU A 303 10.69 -8.44 -17.03
N GLY A 304 11.51 -9.47 -16.82
CA GLY A 304 12.83 -9.52 -17.41
C GLY A 304 14.00 -9.14 -16.53
N VAL A 305 13.75 -8.91 -15.25
CA VAL A 305 14.82 -8.52 -14.35
C VAL A 305 15.65 -9.73 -13.96
N PRO A 306 16.98 -9.61 -14.08
CA PRO A 306 17.85 -10.71 -13.68
C PRO A 306 17.92 -10.89 -12.16
N LEU A 307 18.46 -12.03 -11.76
CA LEU A 307 18.57 -12.41 -10.36
C LEU A 307 19.19 -11.30 -9.50
N ASP A 308 20.32 -10.74 -9.94
CA ASP A 308 21.05 -9.76 -9.13
C ASP A 308 20.26 -8.45 -8.92
N GLY A 309 19.41 -8.08 -9.88
CA GLY A 309 18.53 -6.91 -9.71
C GLY A 309 17.39 -7.19 -8.72
N ILE A 310 16.85 -8.40 -8.76
CA ILE A 310 15.79 -8.82 -7.82
C ILE A 310 16.36 -8.74 -6.39
N VAL A 311 17.54 -9.31 -6.20
CA VAL A 311 18.20 -9.33 -4.91
C VAL A 311 18.51 -7.92 -4.42
N ALA A 312 19.09 -7.10 -5.30
CA ALA A 312 19.44 -5.72 -4.93
C ALA A 312 18.21 -4.86 -4.59
N GLY A 313 17.12 -5.05 -5.34
CA GLY A 313 15.90 -4.28 -5.08
C GLY A 313 15.22 -4.66 -3.76
N LEU A 314 15.21 -5.96 -3.48
CA LEU A 314 14.66 -6.46 -2.20
C LEU A 314 15.48 -5.98 -0.99
N GLN A 315 16.81 -6.00 -1.10
CA GLN A 315 17.68 -5.53 -0.02
C GLN A 315 17.75 -4.02 0.11
N ALA A 316 17.51 -3.30 -0.97
CA ALA A 316 17.44 -1.85 -0.93
C ALA A 316 16.20 -1.34 -0.18
N LEU A 317 15.10 -2.08 -0.15
CA LEU A 317 13.85 -1.56 0.40
C LEU A 317 13.94 -1.38 1.93
N GLN A 318 13.67 -0.16 2.38
CA GLN A 318 13.65 0.19 3.80
C GLN A 318 12.21 0.44 4.25
N PRO A 319 11.86 0.10 5.51
CA PRO A 319 10.57 0.50 6.00
C PRO A 319 10.49 2.02 6.11
N VAL A 320 9.26 2.52 6.10
CA VAL A 320 8.95 3.93 6.23
C VAL A 320 9.29 4.39 7.65
N LYS A 321 9.84 5.60 7.80
CA LYS A 321 10.30 6.03 9.11
C LYS A 321 9.11 5.89 10.08
N GLY A 322 9.35 5.31 11.24
CA GLY A 322 8.32 5.18 12.26
C GLY A 322 7.26 4.14 12.00
N ARG A 323 7.43 3.29 10.96
CA ARG A 323 6.51 2.16 10.71
C ARG A 323 7.22 0.82 10.77
N ALA A 324 7.14 0.20 11.92
CA ALA A 324 7.78 -1.08 12.20
C ALA A 324 9.24 -1.12 11.72
N VAL A 325 10.00 -0.06 12.06
CA VAL A 325 11.45 0.01 11.78
C VAL A 325 12.25 -0.69 12.91
N ALA A 326 12.82 -1.86 12.62
CA ALA A 326 13.53 -2.63 13.63
C ALA A 326 15.01 -2.30 13.56
N GLN A 327 15.66 -2.17 14.72
CA GLN A 327 17.05 -1.76 14.78
C GLN A 327 17.65 -2.17 16.11
N LEU A 328 18.96 -2.19 16.13
CA LEU A 328 19.71 -2.59 17.30
C LEU A 328 20.25 -1.31 17.89
N THR A 329 20.13 -1.11 19.21
CA THR A 329 20.86 -0.03 19.87
C THR A 329 22.34 -0.44 20.08
N ALA A 330 23.18 0.53 20.42
CA ALA A 330 24.57 0.31 20.87
C ALA A 330 24.67 -0.65 22.06
N SER A 331 23.64 -0.69 22.90
CA SER A 331 23.65 -1.57 24.04
C SER A 331 23.05 -2.96 23.73
N GLY A 332 22.73 -3.26 22.48
CA GLY A 332 22.24 -4.59 22.10
C GLY A 332 20.74 -4.81 22.28
N LEU A 333 20.03 -3.76 22.65
CA LEU A 333 18.57 -3.80 22.72
C LEU A 333 17.96 -3.79 21.32
N ARG A 334 16.92 -4.58 21.14
CA ARG A 334 16.19 -4.57 19.89
C ARG A 334 14.97 -3.63 20.04
N VAL A 335 14.94 -2.57 19.23
CA VAL A 335 13.90 -1.58 19.31
C VAL A 335 13.14 -1.55 17.99
N ILE A 336 11.82 -1.74 18.06
CA ILE A 336 10.95 -1.61 16.87
C ILE A 336 10.22 -0.28 16.97
N ASP A 337 10.57 0.63 16.08
CA ASP A 337 10.01 1.97 16.10
C ASP A 337 8.73 1.96 15.30
N ASP A 338 7.60 1.96 16.01
CA ASP A 338 6.33 2.09 15.32
C ASP A 338 5.68 3.42 15.76
N SER A 339 6.49 4.45 15.97
CA SER A 339 6.01 5.65 16.66
C SER A 339 5.24 6.65 15.78
N TYR A 340 5.17 6.42 14.46
CA TYR A 340 4.42 7.31 13.57
C TYR A 340 2.97 7.54 14.04
N ASN A 341 2.15 6.48 14.08
CA ASN A 341 0.77 6.65 14.55
C ASN A 341 0.21 5.41 15.23
N ALA A 342 -1.08 5.47 15.57
CA ALA A 342 -1.72 4.38 16.25
C ALA A 342 -3.23 4.55 16.38
N ASN A 343 -3.93 3.43 16.27
CA ASN A 343 -5.32 3.37 16.66
C ASN A 343 -5.60 1.96 17.19
N PRO A 344 -6.83 1.65 17.57
CA PRO A 344 -7.04 0.30 18.12
C PRO A 344 -6.63 -0.87 17.19
N ALA A 345 -6.92 -0.75 15.90
CA ALA A 345 -6.58 -1.82 14.98
C ALA A 345 -5.07 -1.98 15.00
N SER A 346 -4.34 -0.87 14.81
CA SER A 346 -2.89 -0.98 14.57
C SER A 346 -2.16 -1.36 15.86
N MET A 347 -2.73 -0.98 17.01
CA MET A 347 -2.20 -1.43 18.30
C MET A 347 -2.20 -2.95 18.41
N LEU A 348 -3.30 -3.55 17.96
CA LEU A 348 -3.50 -5.00 18.09
C LEU A 348 -2.46 -5.74 17.23
N ALA A 349 -2.22 -5.22 16.02
CA ALA A 349 -1.24 -5.79 15.09
C ALA A 349 0.17 -5.69 15.62
N ALA A 350 0.46 -4.56 16.27
CA ALA A 350 1.77 -4.37 16.89
C ALA A 350 1.99 -5.35 18.00
N ILE A 351 0.96 -5.58 18.80
CA ILE A 351 1.07 -6.55 19.86
C ILE A 351 1.42 -7.92 19.24
N ASP A 352 0.76 -8.25 18.14
CA ASP A 352 0.97 -9.56 17.52
C ASP A 352 2.37 -9.65 16.91
N ILE A 353 2.87 -8.54 16.37
CA ILE A 353 4.29 -8.50 15.92
C ILE A 353 5.24 -8.79 17.07
N LEU A 354 5.05 -8.08 18.18
CA LEU A 354 5.95 -8.24 19.30
C LEU A 354 5.84 -9.67 19.89
N SER A 355 4.65 -10.26 19.81
CA SER A 355 4.40 -11.60 20.33
C SER A 355 5.19 -12.69 19.61
N GLY A 356 5.62 -12.45 18.37
CA GLY A 356 6.47 -13.42 17.65
C GLY A 356 7.91 -13.56 18.11
N PHE A 357 8.39 -12.68 18.99
CA PHE A 357 9.73 -12.77 19.55
C PHE A 357 9.71 -13.59 20.83
N SER A 358 10.77 -14.36 21.05
CA SER A 358 10.86 -15.30 22.16
C SER A 358 11.51 -14.78 23.45
N GLY A 359 12.36 -13.76 23.38
CA GLY A 359 12.92 -13.20 24.62
C GLY A 359 11.87 -12.45 25.42
N ARG A 360 12.32 -11.72 26.41
CA ARG A 360 11.53 -10.71 27.06
C ARG A 360 11.07 -9.72 26.03
N THR A 361 9.76 -9.44 26.04
CA THR A 361 9.19 -8.44 25.16
C THR A 361 8.53 -7.32 25.95
N VAL A 362 8.74 -6.08 25.51
CA VAL A 362 8.18 -4.93 26.19
C VAL A 362 7.45 -4.00 25.21
N LEU A 363 6.14 -3.86 25.37
CA LEU A 363 5.33 -3.02 24.52
C LEU A 363 5.33 -1.64 25.20
N VAL A 364 5.57 -0.59 24.45
CA VAL A 364 5.76 0.73 25.03
C VAL A 364 4.80 1.66 24.32
N LEU A 365 3.81 2.17 25.06
CA LEU A 365 2.72 2.94 24.45
C LEU A 365 2.51 4.30 25.07
N GLY A 366 2.04 5.21 24.24
CA GLY A 366 1.49 6.49 24.64
C GLY A 366 0.02 6.54 24.21
N ASP A 367 -0.72 7.47 24.79
CA ASP A 367 -2.17 7.58 24.49
C ASP A 367 -2.58 7.53 22.98
N MET A 368 -3.71 6.87 22.69
CA MET A 368 -4.37 6.91 21.38
C MET A 368 -5.32 8.10 21.35
N GLY A 369 -5.32 8.83 20.24
CA GLY A 369 -6.13 10.07 20.11
C GLY A 369 -7.55 9.82 19.61
N ALA A 375 -13.23 5.78 24.47
CA ALA A 375 -11.90 6.34 24.73
C ALA A 375 -11.16 5.49 25.76
N GLU A 376 -11.64 5.51 27.00
CA GLU A 376 -10.92 4.81 28.05
C GLU A 376 -11.13 3.29 27.91
N GLN A 377 -12.31 2.87 27.43
CA GLN A 377 -12.57 1.47 27.11
C GLN A 377 -11.65 0.94 26.02
N ALA A 378 -11.42 1.70 24.95
CA ALA A 378 -10.48 1.26 23.91
C ALA A 378 -9.06 0.99 24.51
N HIS A 379 -8.66 1.81 25.48
CA HIS A 379 -7.39 1.61 26.17
C HIS A 379 -7.36 0.34 27.05
N ARG A 380 -8.45 0.10 27.76
CA ARG A 380 -8.66 -1.17 28.46
C ARG A 380 -8.52 -2.34 27.51
N GLU A 381 -9.15 -2.25 26.36
CA GLU A 381 -9.12 -3.36 25.36
C GLU A 381 -7.72 -3.64 24.84
N VAL A 382 -6.95 -2.58 24.57
CA VAL A 382 -5.55 -2.76 24.17
C VAL A 382 -4.72 -3.43 25.27
N GLY A 383 -4.88 -3.00 26.52
CA GLY A 383 -4.13 -3.58 27.64
C GLY A 383 -4.44 -5.05 27.84
N ALA A 384 -5.72 -5.39 27.72
CA ALA A 384 -6.18 -6.78 27.90
C ALA A 384 -5.73 -7.67 26.74
N TYR A 385 -5.76 -7.16 25.51
CA TYR A 385 -5.32 -7.92 24.37
C TYR A 385 -3.79 -8.25 24.44
N ALA A 386 -3.00 -7.39 25.09
CA ALA A 386 -1.56 -7.64 25.26
C ALA A 386 -1.21 -8.70 26.29
N ALA A 387 -2.10 -8.90 27.26
CA ALA A 387 -1.92 -9.95 28.27
C ALA A 387 -1.82 -11.32 27.61
N GLY A 388 -0.82 -12.11 27.98
CA GLY A 388 -0.63 -13.40 27.29
C GLY A 388 0.22 -13.34 26.01
N LYS A 389 0.49 -12.15 25.49
CA LYS A 389 1.30 -12.04 24.29
C LYS A 389 2.66 -11.34 24.45
N VAL A 390 2.83 -10.49 25.46
CA VAL A 390 4.09 -9.76 25.70
C VAL A 390 4.46 -9.82 27.16
N SER A 391 5.74 -9.67 27.50
CA SER A 391 6.15 -9.83 28.92
C SER A 391 5.74 -8.64 29.78
N ALA A 392 5.71 -7.45 29.20
CA ALA A 392 5.35 -6.27 29.98
C ALA A 392 4.79 -5.17 29.08
N LEU A 393 3.98 -4.31 29.69
CA LEU A 393 3.43 -3.15 29.02
C LEU A 393 3.84 -1.94 29.84
N TYR A 394 4.63 -1.08 29.21
CA TYR A 394 5.08 0.18 29.81
C TYR A 394 4.41 1.30 29.04
N ALA A 395 3.77 2.24 29.74
CA ALA A 395 3.02 3.28 29.09
C ALA A 395 3.05 4.59 29.84
N VAL A 396 2.79 5.63 29.07
CA VAL A 396 2.77 6.98 29.56
C VAL A 396 1.50 7.58 28.98
N GLY A 397 0.85 8.49 29.73
CA GLY A 397 -0.34 9.19 29.27
C GLY A 397 -1.48 8.85 30.20
N PRO A 398 -2.44 9.78 30.40
CA PRO A 398 -3.53 9.50 31.36
C PRO A 398 -4.47 8.35 30.93
N LEU A 399 -4.87 8.29 29.66
CA LEU A 399 -5.66 7.18 29.14
C LEU A 399 -4.96 5.79 29.27
N MET A 400 -3.62 5.77 29.17
CA MET A 400 -2.87 4.52 29.22
C MET A 400 -2.79 3.91 30.59
N ALA A 401 -3.19 4.64 31.63
CA ALA A 401 -3.34 4.01 32.93
C ALA A 401 -4.38 2.89 32.89
N HIS A 402 -5.37 3.06 32.03
CA HIS A 402 -6.44 2.09 31.91
C HIS A 402 -5.91 0.84 31.20
N ALA A 403 -4.99 1.03 30.26
CA ALA A 403 -4.33 -0.12 29.58
C ALA A 403 -3.48 -0.91 30.56
N VAL A 404 -2.66 -0.20 31.32
CA VAL A 404 -1.76 -0.84 32.28
C VAL A 404 -2.60 -1.61 33.28
N GLN A 405 -3.64 -0.97 33.83
CA GLN A 405 -4.48 -1.67 34.80
C GLN A 405 -5.12 -2.93 34.20
N ALA A 406 -5.57 -2.86 32.95
CA ALA A 406 -6.21 -4.01 32.30
C ALA A 406 -5.18 -5.11 32.00
N PHE A 407 -3.93 -4.72 31.73
CA PHE A 407 -2.88 -5.68 31.40
C PHE A 407 -2.46 -6.57 32.58
N GLY A 408 -2.31 -5.98 33.77
CA GLY A 408 -1.96 -6.75 34.96
C GLY A 408 -0.64 -6.36 35.59
N ALA A 409 -0.14 -7.25 36.44
CA ALA A 409 0.93 -6.89 37.39
C ALA A 409 2.32 -6.64 36.81
N THR A 410 2.61 -7.12 35.59
CA THR A 410 3.91 -6.78 34.97
C THR A 410 3.84 -5.49 34.11
N GLY A 411 2.67 -4.87 34.07
CA GLY A 411 2.52 -3.54 33.49
C GLY A 411 3.10 -2.47 34.40
N ARG A 412 3.55 -1.36 33.82
CA ARG A 412 4.01 -0.19 34.61
C ARG A 412 3.49 1.09 33.94
N HIS A 413 2.90 1.99 34.72
CA HIS A 413 2.49 3.27 34.20
C HIS A 413 3.45 4.38 34.68
N PHE A 414 3.83 5.28 33.79
CA PHE A 414 4.82 6.29 34.11
C PHE A 414 4.21 7.65 34.00
N ALA A 415 4.63 8.53 34.92
CA ALA A 415 4.09 9.89 35.00
C ALA A 415 4.63 10.82 33.92
N ASP A 416 5.70 10.44 33.23
CA ASP A 416 6.21 11.23 32.10
C ASP A 416 7.15 10.35 31.25
N GLN A 417 7.56 10.90 30.10
CA GLN A 417 8.48 10.20 29.23
C GLN A 417 9.84 10.00 29.86
N ALA A 418 10.31 10.93 30.71
CA ALA A 418 11.67 10.81 31.28
C ALA A 418 11.81 9.58 32.17
N SER A 419 10.81 9.32 33.01
CA SER A 419 10.86 8.13 33.87
C SER A 419 10.67 6.82 33.04
N LEU A 420 9.89 6.89 31.97
CA LEU A 420 9.71 5.72 31.07
C LEU A 420 11.05 5.38 30.41
N ILE A 421 11.72 6.41 29.88
CA ILE A 421 13.04 6.22 29.29
C ILE A 421 14.07 5.65 30.31
N GLY A 422 14.06 6.19 31.53
CA GLY A 422 14.86 5.65 32.62
C GLY A 422 14.65 4.16 32.90
N ALA A 423 13.40 3.73 32.85
CA ALA A 423 13.10 2.29 33.03
C ALA A 423 13.61 1.46 31.88
N LEU A 424 13.42 1.96 30.68
CA LEU A 424 13.80 1.22 29.48
C LEU A 424 15.32 1.16 29.33
N ALA A 425 16.04 2.11 29.92
CA ALA A 425 17.50 2.12 29.80
C ALA A 425 18.14 0.95 30.54
N THR A 426 17.37 0.32 31.41
CA THR A 426 17.80 -0.88 32.11
C THR A 426 17.54 -2.18 31.35
N GLU A 427 16.88 -2.15 30.21
CA GLU A 427 16.51 -3.41 29.59
C GLU A 427 17.76 -4.04 28.99
N ASP A 428 17.83 -5.37 28.98
CA ASP A 428 19.05 -6.09 28.64
C ASP A 428 18.94 -6.67 27.23
N PRO A 429 20.10 -6.93 26.59
CA PRO A 429 20.14 -7.60 25.29
C PRO A 429 19.40 -8.91 25.30
N THR A 430 18.83 -9.23 24.13
CA THR A 430 17.85 -10.29 23.85
C THR A 430 16.43 -9.81 24.12
N THR A 431 16.27 -8.69 24.80
CA THR A 431 14.94 -8.06 24.96
C THR A 431 14.56 -7.34 23.67
N THR A 432 13.28 -7.43 23.32
CA THR A 432 12.74 -6.69 22.21
C THR A 432 11.65 -5.72 22.70
N ILE A 433 11.74 -4.47 22.26
CA ILE A 433 10.85 -3.39 22.65
C ILE A 433 10.15 -2.87 21.40
N LEU A 434 8.86 -2.55 21.50
CA LEU A 434 8.13 -1.97 20.38
C LEU A 434 7.49 -0.70 20.90
N ILE A 435 7.74 0.41 20.22
CA ILE A 435 7.30 1.73 20.68
C ILE A 435 6.27 2.25 19.71
N LYS A 436 5.13 2.62 20.26
CA LYS A 436 3.99 3.04 19.47
C LYS A 436 3.14 4.07 20.22
N GLY A 437 2.64 5.07 19.54
CA GLY A 437 1.59 5.93 20.12
C GLY A 437 1.01 6.72 18.97
N SER A 438 -0.11 7.41 19.16
CA SER A 438 -0.62 8.26 18.07
C SER A 438 0.34 9.44 17.98
N ARG A 439 0.41 10.07 16.81
CA ARG A 439 1.36 11.19 16.54
C ARG A 439 1.43 12.21 17.69
N SER A 440 0.29 12.55 18.30
CA SER A 440 0.28 13.51 19.42
C SER A 440 1.05 13.08 20.68
N ALA A 441 1.30 11.79 20.86
CA ALA A 441 2.01 11.32 22.07
C ALA A 441 3.52 11.57 21.98
N ALA A 442 4.05 11.75 20.77
CA ALA A 442 5.48 12.08 20.55
C ALA A 442 6.45 10.98 21.04
N MET A 443 6.05 9.73 20.83
CA MET A 443 6.81 8.57 21.31
C MET A 443 8.12 8.37 20.52
N ASP A 444 8.21 9.01 19.36
CA ASP A 444 9.49 9.19 18.65
C ASP A 444 10.63 9.74 19.50
N LYS A 445 10.31 10.57 20.51
CA LYS A 445 11.36 11.04 21.47
C LYS A 445 11.89 9.90 22.31
N VAL A 446 11.03 8.94 22.66
CA VAL A 446 11.49 7.75 23.42
C VAL A 446 12.45 6.87 22.55
N VAL A 447 12.08 6.70 21.28
CA VAL A 447 12.95 6.03 20.32
C VAL A 447 14.30 6.74 20.17
N ALA A 448 14.26 8.08 20.09
CA ALA A 448 15.49 8.89 19.92
C ALA A 448 16.42 8.74 21.11
N ALA A 449 15.85 8.80 22.32
CA ALA A 449 16.61 8.57 23.54
C ALA A 449 17.32 7.22 23.55
N LEU A 450 16.69 6.17 23.03
CA LEU A 450 17.32 4.85 23.05
C LEU A 450 18.26 4.58 21.87
N CYS A 451 17.95 5.18 20.72
CA CYS A 451 18.68 4.87 19.48
C CYS A 451 19.58 6.06 19.08
N ALA B 1 -10.64 8.21 -2.47
CA ALA B 1 -9.99 7.48 -3.58
C ALA B 1 -8.90 6.54 -3.08
N FGA B 2 -8.66 6.52 -1.74
CA FGA B 2 -7.57 5.71 -1.19
C FGA B 2 -6.57 6.62 -0.48
O FGA B 2 -6.89 7.82 -0.41
CB FGA B 2 -8.08 4.70 -0.22
CG FGA B 2 -8.71 3.57 -0.99
CD FGA B 2 -8.97 2.37 -0.09
OE1 FGA B 2 -9.50 2.55 0.99
OXT FGA B 2 -5.49 6.13 -0.07
C API B 3 -7.92 -1.13 0.34
CA API B 3 -9.05 -0.09 0.18
C3 API B 3 -10.21 -0.69 -0.62
C4 API B 3 -11.23 0.45 -0.97
C5 API B 3 -12.41 -0.08 -1.79
C6 API B 3 -13.45 1.03 -2.17
C7 API B 3 -13.78 1.98 -1.01
O API B 3 -6.84 -0.90 -0.20
OXT API B 3 -8.14 -2.15 1.01
O3 API B 3 -13.10 3.03 -0.93
O4 API B 3 -14.69 1.62 -0.22
N API B 3 -8.67 1.13 -0.55
N6 API B 3 -14.68 0.37 -2.60
N1 UDP C . -14.19 18.76 -2.66
C2 UDP C . -13.65 19.85 -3.23
N3 UDP C . -13.37 20.98 -2.46
C4 UDP C . -13.67 20.99 -1.10
C5 UDP C . -14.23 19.87 -0.48
C6 UDP C . -14.48 18.75 -1.26
O2 UDP C . -13.35 19.88 -4.43
O4 UDP C . -13.42 22.02 -0.47
C1' UDP C . -14.45 17.56 -3.47
C2' UDP C . -13.58 16.44 -2.98
O2' UDP C . -12.25 16.64 -3.45
C3' UDP C . -14.27 15.23 -3.55
C4' UDP C . -15.73 15.71 -3.61
O4' UDP C . -15.80 17.08 -3.28
O3' UDP C . -13.90 14.96 -4.88
C5' UDP C . -16.58 14.92 -2.66
O5' UDP C . -16.13 15.09 -1.34
PA UDP C . -16.42 13.92 -0.26
O1A UDP C . -17.97 14.04 0.12
O2A UDP C . -16.11 12.54 -0.77
O3A UDP C . -15.67 14.33 1.06
PB UDP C . -14.10 14.62 1.24
O1B UDP C . -13.57 15.96 0.60
O3B UDP C . -13.81 14.64 2.64
C1 MUB D . -12.11 13.42 -0.04
C2 MUB D . -11.99 12.10 -0.87
C3 MUB D . -11.86 10.92 0.07
C4 MUB D . -10.74 11.18 1.08
C5 MUB D . -11.02 12.48 1.84
C6 MUB D . -10.02 12.57 2.97
C7 MUB D . -13.21 11.58 -2.96
C8 MUB D . -14.60 11.50 -3.63
C9 MUB D . -12.46 8.82 -1.01
C10 MUB D . -11.90 7.97 -2.14
C11 MUB D . -12.74 7.89 0.20
O1 MUB D . -13.34 13.30 0.69
O3 MUB D . -11.48 9.79 -0.68
O4 MUB D . -10.73 10.09 2.00
O5 MUB D . -11.01 13.59 0.88
O6 MUB D . -8.77 12.73 2.30
O7 MUB D . -12.21 11.25 -3.58
O10 MUB D . -12.57 7.12 -2.72
N2 MUB D . -13.21 11.96 -1.66
#